data_7PLQ
#
_entry.id   7PLQ
#
_cell.length_a   78.513
_cell.length_b   34.373
_cell.length_c   132.581
_cell.angle_alpha   90.000
_cell.angle_beta   101.220
_cell.angle_gamma   90.000
#
_symmetry.space_group_name_H-M   'C 1 2 1'
#
loop_
_entity.id
_entity.type
_entity.pdbx_description
1 polymer 'SIMILAR TO RCD1 (SRO1)'
2 non-polymer 'SULFATE ION'
3 non-polymer GLYCEROL
4 non-polymer 1-ETHOXY-2-(2-ETHOXYETHOXY)ETHANE
5 non-polymer 1,2-ETHANEDIOL
6 water water
#
_entity_poly.entity_id   1
_entity_poly.type   'polypeptide(L)'
_entity_poly.pdbx_seq_one_letter_code
;GPIGQPVDSAVRKLLLEGAGQPFSEENIIGIYRTPLVDQQGRARFNLFQKELEATK(MSE)HRGNANVRYAWLPCSKDT
(MSE)EE(MSE)(MSE)(MSE)RGVLEVTKP(MSE)LGPVYGIGTHLAPANCAQTCASYSDIDENGI(MSE)R(MSE)
(MSE)LCRVI(MSE)GNVEVVLPGSKQFQPTNERFDSGVDDLQKPKHYIIWDANVHRHIYAEYAVVIKAPS(MSE)TN
;
_entity_poly.pdbx_strand_id   A,B
#
# COMPACT_ATOMS: atom_id res chain seq x y z
N VAL A 7 -8.18 1.61 -15.68
CA VAL A 7 -6.85 1.69 -16.27
C VAL A 7 -5.83 2.17 -15.25
N ASP A 8 -4.74 1.41 -15.13
CA ASP A 8 -3.69 1.74 -14.16
C ASP A 8 -3.02 3.05 -14.49
N SER A 9 -2.86 3.35 -15.78
CA SER A 9 -2.12 4.55 -16.20
C SER A 9 -2.83 5.83 -15.80
N ALA A 10 -4.11 5.75 -15.44
CA ALA A 10 -4.89 6.96 -15.14
C ALA A 10 -4.31 7.74 -13.96
N VAL A 11 -3.64 7.07 -13.02
CA VAL A 11 -3.12 7.77 -11.86
C VAL A 11 -1.95 8.67 -12.28
N ARG A 12 -0.97 8.10 -12.98
CA ARG A 12 0.14 8.89 -13.49
C ARG A 12 -0.33 9.86 -14.56
N LYS A 13 -1.35 9.47 -15.34
CA LYS A 13 -1.95 10.37 -16.31
C LYS A 13 -2.38 11.67 -15.65
N LEU A 14 -3.17 11.56 -14.59
CA LEU A 14 -3.63 12.75 -13.87
C LEU A 14 -2.48 13.46 -13.14
N LEU A 15 -1.51 12.69 -12.63
CA LEU A 15 -0.47 13.25 -11.77
C LEU A 15 0.60 14.00 -12.55
N LEU A 16 1.12 13.39 -13.61
CA LEU A 16 2.31 13.93 -14.26
C LEU A 16 1.95 14.99 -15.29
N GLU A 17 1.14 14.63 -16.29
CA GLU A 17 0.84 15.54 -17.38
C GLU A 17 -0.51 16.23 -17.24
N GLY A 18 -1.34 15.82 -16.29
CA GLY A 18 -2.71 16.27 -16.15
C GLY A 18 -3.02 17.74 -16.35
N ALA A 19 -2.56 18.58 -15.42
CA ALA A 19 -2.94 19.99 -15.38
C ALA A 19 -1.77 20.88 -15.79
N GLY A 20 -1.94 22.19 -15.57
CA GLY A 20 -0.89 23.14 -15.91
C GLY A 20 0.37 22.93 -15.10
N GLN A 21 0.22 22.66 -13.80
CA GLN A 21 1.38 22.34 -12.96
C GLN A 21 1.58 20.83 -12.93
N PRO A 22 2.74 20.34 -13.35
CA PRO A 22 3.01 18.90 -13.36
C PRO A 22 3.64 18.40 -12.07
N PHE A 23 3.72 17.07 -11.97
CA PHE A 23 4.57 16.39 -10.99
C PHE A 23 5.59 15.54 -11.72
N SER A 24 6.62 15.14 -11.00
CA SER A 24 7.69 14.32 -11.54
C SER A 24 7.71 12.96 -10.85
N GLU A 25 8.26 11.96 -11.57
CA GLU A 25 8.34 10.61 -11.05
C GLU A 25 9.09 10.54 -9.73
N GLU A 26 10.18 11.30 -9.60
CA GLU A 26 10.93 11.31 -8.34
C GLU A 26 10.09 11.84 -7.19
N ASN A 27 9.10 12.68 -7.48
CA ASN A 27 8.22 13.18 -6.44
C ASN A 27 7.22 12.11 -5.97
N ILE A 28 6.95 11.11 -6.79
CA ILE A 28 6.00 10.06 -6.42
C ILE A 28 6.73 9.01 -5.61
N ILE A 29 6.42 8.93 -4.32
CA ILE A 29 7.01 7.91 -3.47
C ILE A 29 6.31 6.58 -3.67
N GLY A 30 4.99 6.60 -3.81
CA GLY A 30 4.24 5.38 -3.99
C GLY A 30 2.88 5.63 -4.61
N ILE A 31 2.40 4.64 -5.36
CA ILE A 31 1.03 4.55 -5.82
C ILE A 31 0.56 3.13 -5.51
N TYR A 32 -0.49 2.99 -4.71
CA TYR A 32 -0.89 1.69 -4.22
C TYR A 32 -2.39 1.49 -4.42
N ARG A 33 -2.76 0.26 -4.75
CA ARG A 33 -4.17 -0.11 -4.77
C ARG A 33 -4.71 -0.20 -3.35
N THR A 34 -5.97 0.16 -3.19
CA THR A 34 -6.66 0.01 -1.92
C THR A 34 -7.14 -1.43 -1.75
N PRO A 35 -7.45 -1.85 -0.53
CA PRO A 35 -7.84 -3.25 -0.30
C PRO A 35 -9.13 -3.59 -1.00
N LEU A 36 -9.26 -4.86 -1.40
CA LEU A 36 -10.44 -5.29 -2.11
C LEU A 36 -11.65 -5.42 -1.19
N VAL A 37 -11.46 -5.80 0.08
CA VAL A 37 -12.56 -5.92 1.02
C VAL A 37 -12.29 -5.05 2.24
N ASP A 38 -13.38 -4.69 2.93
CA ASP A 38 -13.30 -3.97 4.19
C ASP A 38 -13.16 -4.97 5.33
N GLN A 39 -13.26 -4.52 6.58
CA GLN A 39 -13.08 -5.45 7.70
C GLN A 39 -14.15 -6.52 7.70
N GLN A 40 -15.37 -6.18 7.30
CA GLN A 40 -16.49 -7.11 7.32
C GLN A 40 -16.59 -7.95 6.04
N GLY A 41 -15.52 -8.02 5.25
CA GLY A 41 -15.44 -8.93 4.14
C GLY A 41 -16.23 -8.56 2.90
N ARG A 42 -16.88 -7.40 2.87
CA ARG A 42 -17.62 -7.03 1.69
C ARG A 42 -16.67 -6.50 0.62
N ALA A 43 -16.87 -6.95 -0.61
CA ALA A 43 -16.06 -6.47 -1.72
C ALA A 43 -16.37 -4.99 -1.95
N ARG A 44 -15.35 -4.14 -1.76
CA ARG A 44 -15.59 -2.71 -1.76
C ARG A 44 -16.03 -2.23 -3.14
N PHE A 45 -15.40 -2.73 -4.20
CA PHE A 45 -15.78 -2.31 -5.55
C PHE A 45 -17.21 -2.72 -5.88
N ASN A 46 -17.59 -3.96 -5.56
CA ASN A 46 -18.96 -4.41 -5.82
C ASN A 46 -19.98 -3.57 -5.09
N LEU A 47 -19.69 -3.19 -3.84
CA LEU A 47 -20.58 -2.29 -3.11
C LEU A 47 -20.74 -0.96 -3.83
N PHE A 48 -19.63 -0.40 -4.32
CA PHE A 48 -19.69 0.87 -5.04
C PHE A 48 -20.49 0.71 -6.33
N GLN A 49 -20.30 -0.40 -7.03
CA GLN A 49 -21.09 -0.66 -8.24
C GLN A 49 -22.57 -0.70 -7.92
N LYS A 50 -22.92 -1.39 -6.82
CA LYS A 50 -24.30 -1.42 -6.35
C LYS A 50 -24.82 0.00 -6.12
N GLU A 51 -24.05 0.81 -5.37
CA GLU A 51 -24.44 2.19 -5.13
C GLU A 51 -24.50 2.99 -6.42
N LEU A 52 -23.60 2.70 -7.36
CA LEU A 52 -23.65 3.34 -8.68
C LEU A 52 -24.96 3.05 -9.38
N GLU A 53 -25.38 1.78 -9.39
CA GLU A 53 -26.61 1.41 -10.06
C GLU A 53 -27.83 2.04 -9.39
N ALA A 54 -27.83 2.10 -8.05
CA ALA A 54 -28.98 2.69 -7.35
C ALA A 54 -29.11 4.17 -7.66
N THR A 55 -28.00 4.91 -7.64
CA THR A 55 -28.09 6.34 -7.98
C THR A 55 -28.47 6.54 -9.44
N LYS A 56 -27.93 5.71 -10.34
CA LYS A 56 -28.33 5.76 -11.74
C LYS A 56 -29.83 5.57 -11.90
N HIS A 58 -32.21 6.08 -9.66
CA HIS A 58 -32.98 7.13 -9.01
C HIS A 58 -32.90 8.46 -9.75
N ARG A 59 -31.72 8.85 -10.21
CA ARG A 59 -31.51 10.16 -10.82
C ARG A 59 -31.46 10.13 -12.33
N GLY A 60 -31.21 8.98 -12.94
CA GLY A 60 -30.99 8.87 -14.35
C GLY A 60 -29.52 8.82 -14.73
N ASN A 61 -28.65 9.31 -13.86
CA ASN A 61 -27.22 9.25 -14.08
C ASN A 61 -26.53 9.25 -12.72
N ALA A 62 -25.51 8.41 -12.58
CA ALA A 62 -24.80 8.36 -11.31
C ALA A 62 -23.80 9.49 -11.16
N ASN A 63 -23.31 10.05 -12.27
CA ASN A 63 -22.35 11.16 -12.25
C ASN A 63 -21.12 10.79 -11.42
N VAL A 64 -20.48 9.71 -11.85
CA VAL A 64 -19.25 9.22 -11.20
C VAL A 64 -18.08 10.07 -11.68
N ARG A 65 -17.34 10.65 -10.76
CA ARG A 65 -16.14 11.40 -11.11
C ARG A 65 -14.92 10.82 -10.41
N TYR A 66 -13.76 11.09 -11.00
CA TYR A 66 -12.50 10.93 -10.29
C TYR A 66 -12.23 12.18 -9.48
N ALA A 67 -11.71 12.00 -8.27
CA ALA A 67 -11.46 13.11 -7.37
C ALA A 67 -10.34 12.71 -6.41
N TRP A 68 -9.67 13.72 -5.89
CA TRP A 68 -8.52 13.55 -5.00
C TRP A 68 -8.93 13.88 -3.57
N LEU A 69 -8.68 12.94 -2.65
CA LEU A 69 -9.04 13.13 -1.25
C LEU A 69 -7.79 13.40 -0.43
N PRO A 70 -7.67 14.57 0.19
CA PRO A 70 -6.48 14.84 1.03
C PRO A 70 -6.42 13.89 2.22
N CYS A 71 -5.21 13.44 2.55
CA CYS A 71 -5.00 12.40 3.54
C CYS A 71 -3.90 12.78 4.51
N SER A 72 -4.05 12.28 5.74
CA SER A 72 -2.96 12.24 6.70
C SER A 72 -2.39 10.82 6.72
N LYS A 73 -1.25 10.66 7.40
CA LYS A 73 -0.66 9.35 7.60
C LYS A 73 -1.67 8.38 8.23
N ASP A 74 -2.36 8.84 9.27
CA ASP A 74 -3.30 7.97 9.99
C ASP A 74 -4.46 7.54 9.08
N THR A 75 -5.07 8.49 8.37
CA THR A 75 -6.25 8.15 7.58
C THR A 75 -5.88 7.20 6.44
N GLU A 77 -3.57 5.04 6.66
CA GLU A 77 -3.37 3.76 7.31
C GLU A 77 -4.70 3.07 7.58
N GLU A 78 -5.73 3.83 7.97
CA GLU A 78 -7.04 3.23 8.17
C GLU A 78 -7.51 2.51 6.92
N ARG A 82 -7.08 -1.49 7.05
CA ARG A 82 -8.38 -1.97 7.46
C ARG A 82 -9.51 -1.73 6.46
N GLY A 83 -9.24 -1.09 5.32
CA GLY A 83 -10.34 -0.82 4.42
C GLY A 83 -11.35 0.18 4.94
N VAL A 84 -11.03 0.90 6.01
CA VAL A 84 -11.92 1.91 6.59
C VAL A 84 -11.58 3.27 5.99
N LEU A 85 -12.62 4.05 5.69
CA LEU A 85 -12.45 5.40 5.15
C LEU A 85 -12.55 6.42 6.29
N GLU A 86 -11.49 7.19 6.49
CA GLU A 86 -11.45 8.31 7.42
C GLU A 86 -11.07 9.58 6.68
N VAL A 87 -11.70 10.69 7.04
CA VAL A 87 -11.50 11.98 6.37
C VAL A 87 -10.82 12.96 7.32
N THR A 88 -9.87 13.72 6.79
CA THR A 88 -9.17 14.75 7.55
C THR A 88 -9.84 16.11 7.36
N LYS A 89 -9.83 16.90 8.41
CA LYS A 89 -10.22 18.30 8.32
C LYS A 89 -9.02 19.19 8.02
N PRO A 94 -11.40 24.68 1.26
CA PRO A 94 -12.52 23.81 1.62
C PRO A 94 -13.45 24.44 2.65
N VAL A 95 -13.92 25.65 2.35
CA VAL A 95 -14.78 26.39 3.28
C VAL A 95 -16.23 26.21 2.85
N TYR A 96 -16.46 25.24 1.95
CA TYR A 96 -17.75 25.05 1.29
C TYR A 96 -18.55 23.95 2.01
N GLY A 97 -19.15 24.31 3.13
CA GLY A 97 -20.01 23.40 3.85
C GLY A 97 -19.27 22.44 4.78
N ILE A 98 -20.07 21.68 5.53
CA ILE A 98 -19.59 20.71 6.51
C ILE A 98 -19.74 19.33 5.89
N GLY A 99 -18.68 18.85 5.28
CA GLY A 99 -18.69 17.55 4.66
C GLY A 99 -17.28 17.16 4.28
N THR A 100 -17.18 16.20 3.38
CA THR A 100 -15.88 15.76 2.87
C THR A 100 -15.59 16.52 1.58
N HIS A 101 -14.46 17.20 1.53
CA HIS A 101 -14.11 18.04 0.40
C HIS A 101 -13.05 17.35 -0.44
N LEU A 102 -13.28 17.31 -1.74
CA LEU A 102 -12.39 16.63 -2.68
C LEU A 102 -12.06 17.54 -3.84
N ALA A 103 -10.90 17.31 -4.44
CA ALA A 103 -10.51 18.12 -5.56
C ALA A 103 -10.74 17.37 -6.87
N PRO A 104 -11.20 18.07 -7.90
CA PRO A 104 -11.43 17.43 -9.20
C PRO A 104 -10.19 16.72 -9.71
N ALA A 105 -10.44 15.76 -10.61
CA ALA A 105 -9.40 14.86 -11.09
C ALA A 105 -8.17 15.60 -11.61
N ASN A 106 -8.36 16.74 -12.28
CA ASN A 106 -7.23 17.46 -12.84
C ASN A 106 -6.64 18.48 -11.88
N CYS A 107 -7.05 18.47 -10.61
CA CYS A 107 -6.59 19.44 -9.63
C CYS A 107 -5.78 18.77 -8.52
N ALA A 108 -4.91 17.82 -8.89
CA ALA A 108 -4.05 17.18 -7.91
C ALA A 108 -3.09 18.17 -7.28
N GLN A 109 -2.63 19.16 -8.06
CA GLN A 109 -1.78 20.21 -7.50
C GLN A 109 -2.57 21.09 -6.54
N THR A 110 -3.83 21.35 -6.84
CA THR A 110 -4.67 22.11 -5.93
C THR A 110 -4.92 21.34 -4.65
N CYS A 111 -5.27 20.06 -4.77
CA CYS A 111 -5.37 19.21 -3.59
C CYS A 111 -4.01 19.11 -2.88
N ALA A 112 -2.91 19.19 -3.64
CA ALA A 112 -1.58 19.19 -3.03
C ALA A 112 -1.32 20.47 -2.25
N SER A 113 -1.63 21.62 -2.86
CA SER A 113 -1.40 22.89 -2.19
C SER A 113 -2.33 23.07 -0.98
N TYR A 114 -3.47 22.38 -0.97
CA TYR A 114 -4.44 22.48 0.11
C TYR A 114 -4.33 21.34 1.11
N SER A 115 -3.36 20.45 0.93
CA SER A 115 -3.12 19.35 1.87
C SER A 115 -1.90 19.62 2.73
N ASP A 116 -1.83 18.93 3.85
CA ASP A 116 -0.73 19.12 4.78
C ASP A 116 0.55 18.46 4.24
N ILE A 117 1.68 19.01 4.68
CA ILE A 117 3.01 18.46 4.39
C ILE A 117 3.64 18.15 5.74
N ASP A 118 4.04 16.91 5.94
CA ASP A 118 4.45 16.46 7.26
C ASP A 118 5.94 16.72 7.47
N GLU A 119 6.50 16.21 8.57
CA GLU A 119 7.87 16.52 8.93
C GLU A 119 8.88 15.96 7.92
N ASN A 120 8.54 14.89 7.24
CA ASN A 120 9.44 14.29 6.26
C ASN A 120 9.25 14.88 4.86
N GLY A 121 8.50 15.96 4.73
CA GLY A 121 8.26 16.58 3.44
C GLY A 121 7.38 15.78 2.51
N ILE A 122 6.35 15.12 3.05
CA ILE A 122 5.54 14.18 2.30
C ILE A 122 4.08 14.60 2.34
N ARG A 124 0.05 13.21 1.16
CA ARG A 124 -0.71 11.99 0.94
C ARG A 124 -2.10 12.35 0.43
N LEU A 127 -6.90 8.79 -4.72
CA LEU A 127 -7.69 8.90 -5.92
C LEU A 127 -8.96 8.08 -5.73
N CYS A 128 -10.10 8.75 -5.69
CA CYS A 128 -11.38 8.12 -5.47
C CYS A 128 -12.27 8.24 -6.70
N ARG A 129 -13.13 7.24 -6.89
CA ARG A 129 -14.34 7.40 -7.70
C ARG A 129 -15.45 7.83 -6.77
N VAL A 130 -16.13 8.92 -7.12
CA VAL A 130 -17.16 9.50 -6.26
C VAL A 130 -18.47 9.52 -7.02
N ILE A 131 -19.53 9.02 -6.39
CA ILE A 131 -20.87 9.17 -6.93
C ILE A 131 -21.37 10.55 -6.50
N GLY A 133 -24.05 12.19 -8.27
CA GLY A 133 -25.46 12.34 -8.56
C GLY A 133 -25.76 13.75 -9.04
N ASN A 134 -26.91 14.27 -8.62
CA ASN A 134 -27.28 15.64 -8.91
C ASN A 134 -26.52 16.60 -8.00
N VAL A 135 -25.86 17.61 -8.60
CA VAL A 135 -25.04 18.56 -7.84
C VAL A 135 -25.76 19.91 -7.73
N GLU A 136 -25.47 20.63 -6.64
CA GLU A 136 -25.90 22.02 -6.43
C GLU A 136 -24.72 22.85 -5.94
N VAL A 137 -24.87 24.17 -6.04
CA VAL A 137 -23.85 25.10 -5.55
C VAL A 137 -23.88 25.17 -4.03
N VAL A 138 -22.70 25.14 -3.42
CA VAL A 138 -22.53 25.38 -1.99
C VAL A 138 -21.76 26.69 -1.85
N LEU A 139 -22.26 27.58 -0.98
CA LEU A 139 -21.64 28.88 -0.84
C LEU A 139 -20.37 28.78 -0.01
N PRO A 140 -19.39 29.63 -0.26
CA PRO A 140 -18.19 29.65 0.60
C PRO A 140 -18.56 30.03 2.03
N GLY A 141 -17.97 29.34 3.00
CA GLY A 141 -18.34 29.59 4.37
C GLY A 141 -19.67 29.00 4.78
N SER A 142 -20.34 28.25 3.89
CA SER A 142 -21.64 27.67 4.21
C SER A 142 -21.53 26.67 5.36
N LYS A 143 -22.61 26.58 6.14
CA LYS A 143 -22.72 25.60 7.19
C LYS A 143 -23.60 24.42 6.78
N GLN A 144 -23.84 24.27 5.48
CA GLN A 144 -24.65 23.17 4.96
C GLN A 144 -24.00 21.82 5.25
N PHE A 145 -24.83 20.86 5.66
CA PHE A 145 -24.35 19.51 5.96
C PHE A 145 -25.14 18.41 5.27
N GLN A 146 -26.12 18.74 4.45
CA GLN A 146 -26.91 17.74 3.74
C GLN A 146 -27.44 18.38 2.46
N PRO A 147 -27.97 17.57 1.54
CA PRO A 147 -28.57 18.16 0.33
C PRO A 147 -29.70 19.11 0.69
N THR A 148 -29.82 20.18 -0.10
CA THR A 148 -30.84 21.19 0.18
C THR A 148 -32.22 20.57 0.25
N ASN A 149 -32.53 19.69 -0.69
CA ASN A 149 -33.83 19.03 -0.73
C ASN A 149 -33.66 17.73 -1.51
N GLU A 150 -34.77 17.01 -1.68
CA GLU A 150 -34.70 15.65 -2.21
C GLU A 150 -34.13 15.58 -3.62
N ARG A 151 -34.00 16.71 -4.32
CA ARG A 151 -33.59 16.65 -5.72
C ARG A 151 -32.08 16.58 -5.92
N PHE A 152 -31.27 16.81 -4.87
CA PHE A 152 -29.83 16.90 -5.01
C PHE A 152 -29.13 15.88 -4.14
N ASP A 153 -27.89 15.55 -4.52
CA ASP A 153 -27.07 14.56 -3.81
C ASP A 153 -25.80 15.17 -3.23
N SER A 154 -25.07 15.98 -3.99
CA SER A 154 -23.75 16.46 -3.58
C SER A 154 -23.63 17.94 -3.95
N GLY A 155 -22.50 18.53 -3.57
CA GLY A 155 -22.25 19.95 -3.79
C GLY A 155 -21.02 20.21 -4.64
N VAL A 156 -21.03 21.34 -5.33
CA VAL A 156 -19.84 21.90 -5.98
C VAL A 156 -19.77 23.37 -5.62
N ASP A 157 -18.56 23.94 -5.74
CA ASP A 157 -18.43 25.38 -5.51
C ASP A 157 -18.87 26.18 -6.73
N ASP A 158 -18.81 25.58 -7.92
CA ASP A 158 -19.14 26.29 -9.15
C ASP A 158 -19.66 25.28 -10.17
N LEU A 159 -20.86 25.55 -10.73
CA LEU A 159 -21.46 24.59 -11.66
C LEU A 159 -20.79 24.55 -13.02
N GLN A 160 -20.16 25.64 -13.46
CA GLN A 160 -19.47 25.62 -14.75
C GLN A 160 -17.98 25.34 -14.62
N LYS A 161 -17.36 25.68 -13.49
CA LYS A 161 -15.91 25.56 -13.30
C LYS A 161 -15.67 25.06 -11.88
N PRO A 162 -16.00 23.79 -11.62
CA PRO A 162 -15.86 23.27 -10.24
C PRO A 162 -14.41 23.23 -9.82
N LYS A 163 -14.13 23.80 -8.64
CA LYS A 163 -12.83 23.61 -7.99
C LYS A 163 -12.90 22.72 -6.76
N HIS A 164 -14.09 22.41 -6.27
CA HIS A 164 -14.22 21.60 -5.06
C HIS A 164 -15.47 20.76 -5.18
N TYR A 165 -15.35 19.48 -4.85
CA TYR A 165 -16.48 18.58 -4.69
C TYR A 165 -16.76 18.41 -3.20
N ILE A 166 -18.04 18.30 -2.85
CA ILE A 166 -18.42 18.18 -1.44
C ILE A 166 -19.40 17.02 -1.30
N ILE A 167 -19.02 16.02 -0.52
CA ILE A 167 -19.86 14.86 -0.23
C ILE A 167 -20.35 14.99 1.20
N TRP A 168 -21.66 14.90 1.39
CA TRP A 168 -22.22 15.11 2.72
C TRP A 168 -22.02 13.86 3.56
N ASP A 169 -22.00 14.06 4.87
CA ASP A 169 -21.68 13.00 5.82
C ASP A 169 -22.55 11.77 5.59
N ALA A 170 -23.83 11.97 5.24
CA ALA A 170 -24.74 10.84 5.07
C ALA A 170 -24.36 9.97 3.88
N ASN A 171 -23.55 10.46 2.96
CA ASN A 171 -23.19 9.72 1.75
C ASN A 171 -21.72 9.30 1.68
N VAL A 172 -20.91 9.67 2.67
N VAL A 172 -20.90 9.66 2.66
CA VAL A 172 -19.47 9.44 2.56
CA VAL A 172 -19.46 9.43 2.51
C VAL A 172 -19.17 7.95 2.47
C VAL A 172 -19.14 7.94 2.49
N HIS A 173 -19.87 7.14 3.26
CA HIS A 173 -19.62 5.71 3.31
C HIS A 173 -20.26 4.92 2.17
N ARG A 174 -21.01 5.57 1.28
CA ARG A 174 -21.58 4.88 0.13
C ARG A 174 -21.21 5.48 -1.22
N HIS A 175 -20.76 6.73 -1.28
CA HIS A 175 -20.51 7.38 -2.56
C HIS A 175 -19.04 7.70 -2.80
N ILE A 176 -18.14 7.37 -1.88
CA ILE A 176 -16.71 7.57 -2.07
C ILE A 176 -16.01 6.21 -2.07
N TYR A 177 -15.39 5.86 -3.20
CA TYR A 177 -14.64 4.61 -3.33
C TYR A 177 -13.17 4.96 -3.54
N ALA A 178 -12.38 4.84 -2.49
CA ALA A 178 -10.96 5.08 -2.61
C ALA A 178 -10.32 3.95 -3.40
N GLU A 179 -9.64 4.30 -4.48
CA GLU A 179 -9.10 3.32 -5.41
C GLU A 179 -7.58 3.27 -5.42
N TYR A 180 -6.91 4.41 -5.30
CA TYR A 180 -5.46 4.44 -5.24
C TYR A 180 -5.02 5.34 -4.09
N ALA A 181 -4.00 4.88 -3.37
CA ALA A 181 -3.29 5.67 -2.39
C ALA A 181 -2.04 6.23 -3.07
N VAL A 182 -1.80 7.52 -2.88
CA VAL A 182 -0.72 8.21 -3.56
C VAL A 182 0.11 8.95 -2.52
N VAL A 183 1.42 8.72 -2.53
CA VAL A 183 2.34 9.34 -1.58
C VAL A 183 3.36 10.15 -2.37
N ILE A 184 3.49 11.43 -2.04
CA ILE A 184 4.28 12.36 -2.82
C ILE A 184 5.26 13.12 -1.92
N LYS A 185 6.50 13.23 -2.40
CA LYS A 185 7.53 14.06 -1.78
C LYS A 185 7.36 15.51 -2.23
N ALA A 186 7.28 16.41 -1.27
CA ALA A 186 7.20 17.84 -1.59
C ALA A 186 8.30 18.22 -2.58
N PRO A 187 8.01 19.09 -3.54
CA PRO A 187 8.86 19.19 -4.74
C PRO A 187 10.21 19.81 -4.41
N SER A 188 11.27 19.08 -4.77
CA SER A 188 12.66 19.52 -4.58
C SER A 188 12.97 19.89 -3.13
N GLY B 4 -7.03 -15.11 8.78
CA GLY B 4 -7.29 -14.46 10.05
C GLY B 4 -6.06 -14.38 10.94
N GLN B 5 -4.93 -14.84 10.42
CA GLN B 5 -3.66 -14.83 11.12
C GLN B 5 -2.97 -13.46 11.23
N PRO B 6 -3.09 -12.55 10.22
CA PRO B 6 -2.35 -11.28 10.33
C PRO B 6 -2.70 -10.42 11.54
N VAL B 7 -1.78 -10.33 12.50
CA VAL B 7 -1.90 -9.33 13.57
C VAL B 7 -1.30 -8.03 13.05
N ASP B 8 -2.09 -6.95 13.12
CA ASP B 8 -1.64 -5.67 12.59
C ASP B 8 -0.46 -5.12 13.40
N SER B 9 -0.49 -5.31 14.72
CA SER B 9 0.51 -4.71 15.60
C SER B 9 1.90 -5.32 15.44
N ALA B 10 2.00 -6.48 14.80
CA ALA B 10 3.29 -7.16 14.70
C ALA B 10 4.33 -6.34 13.96
N VAL B 11 3.91 -5.50 13.01
CA VAL B 11 4.86 -4.76 12.18
C VAL B 11 5.58 -3.71 13.00
N ARG B 12 4.82 -2.88 13.72
CA ARG B 12 5.46 -1.87 14.58
C ARG B 12 6.21 -2.51 15.72
N LYS B 13 5.73 -3.65 16.22
CA LYS B 13 6.49 -4.39 17.22
C LYS B 13 7.89 -4.70 16.73
N LEU B 14 8.00 -5.33 15.55
CA LEU B 14 9.31 -5.67 15.01
C LEU B 14 10.11 -4.42 14.67
N LEU B 15 9.44 -3.35 14.22
CA LEU B 15 10.16 -2.17 13.74
C LEU B 15 10.65 -1.31 14.89
N LEU B 16 9.76 -0.96 15.83
CA LEU B 16 10.06 0.06 16.83
C LEU B 16 10.72 -0.50 18.09
N GLU B 17 10.12 -1.54 18.69
CA GLU B 17 10.52 -1.99 20.03
C GLU B 17 11.59 -3.07 20.04
N GLY B 18 11.93 -3.65 18.89
CA GLY B 18 12.86 -4.76 18.89
C GLY B 18 13.62 -4.94 17.59
N ALA B 19 14.80 -4.32 17.52
CA ALA B 19 15.64 -4.43 16.33
C ALA B 19 17.09 -4.37 16.77
N GLY B 20 18.00 -4.30 15.79
CA GLY B 20 19.41 -4.11 16.11
C GLY B 20 19.63 -2.84 16.90
N GLN B 21 18.94 -1.78 16.54
CA GLN B 21 18.90 -0.48 17.20
C GLN B 21 17.70 0.24 16.60
N PRO B 22 17.18 1.32 17.18
CA PRO B 22 15.76 1.61 17.04
C PRO B 22 15.40 2.33 15.74
N PHE B 23 14.10 2.35 15.50
CA PHE B 23 13.45 3.21 14.52
C PHE B 23 12.48 4.10 15.29
N SER B 24 12.05 5.17 14.64
CA SER B 24 11.09 6.09 15.25
C SER B 24 9.80 6.03 14.45
N GLU B 25 8.70 6.34 15.13
CA GLU B 25 7.41 6.39 14.43
C GLU B 25 7.47 7.39 13.29
N GLU B 26 8.18 8.51 13.49
CA GLU B 26 8.33 9.51 12.44
C GLU B 26 9.07 8.95 11.23
N ASN B 27 9.96 7.98 11.42
CA ASN B 27 10.69 7.37 10.31
C ASN B 27 9.80 6.48 9.46
N ILE B 28 8.65 6.05 9.97
CA ILE B 28 7.74 5.19 9.23
C ILE B 28 6.87 6.08 8.35
N ILE B 29 7.08 6.03 7.03
CA ILE B 29 6.23 6.79 6.12
C ILE B 29 4.92 6.06 5.87
N GLY B 30 4.95 4.74 5.79
CA GLY B 30 3.76 3.96 5.56
C GLY B 30 3.94 2.52 5.98
N ILE B 31 2.83 1.91 6.41
CA ILE B 31 2.73 0.46 6.60
C ILE B 31 1.43 0.03 5.93
N TYR B 32 1.53 -0.86 4.96
CA TYR B 32 0.37 -1.23 4.16
C TYR B 32 0.24 -2.74 4.06
N ARG B 33 -1.00 -3.22 4.10
CA ARG B 33 -1.29 -4.60 3.77
C ARG B 33 -1.10 -4.83 2.27
N THR B 34 -0.49 -5.95 1.92
CA THR B 34 -0.40 -6.34 0.53
C THR B 34 -1.75 -6.85 0.04
N PRO B 35 -1.96 -6.92 -1.27
CA PRO B 35 -3.28 -7.30 -1.79
C PRO B 35 -3.68 -8.72 -1.41
N LEU B 36 -4.99 -8.92 -1.25
CA LEU B 36 -5.53 -10.22 -0.86
C LEU B 36 -5.46 -11.23 -1.99
N VAL B 37 -5.68 -10.77 -3.23
CA VAL B 37 -5.57 -11.63 -4.39
C VAL B 37 -4.56 -10.99 -5.34
N ASP B 38 -3.99 -11.82 -6.21
CA ASP B 38 -3.05 -11.34 -7.20
C ASP B 38 -3.82 -10.86 -8.43
N GLN B 39 -3.08 -10.56 -9.50
CA GLN B 39 -3.69 -10.08 -10.74
C GLN B 39 -4.64 -11.12 -11.33
N GLN B 40 -4.34 -12.40 -11.18
CA GLN B 40 -5.16 -13.47 -11.73
C GLN B 40 -6.27 -13.91 -10.78
N GLY B 41 -6.56 -13.14 -9.74
CA GLY B 41 -7.66 -13.43 -8.85
C GLY B 41 -7.43 -14.53 -7.82
N ARG B 42 -6.22 -15.08 -7.73
CA ARG B 42 -5.92 -16.11 -6.74
C ARG B 42 -5.70 -15.49 -5.36
N ALA B 43 -6.33 -16.07 -4.34
CA ALA B 43 -6.13 -15.59 -2.96
C ALA B 43 -4.72 -15.94 -2.52
N ARG B 44 -3.90 -14.91 -2.28
CA ARG B 44 -2.48 -15.12 -2.04
C ARG B 44 -2.23 -15.86 -0.74
N PHE B 45 -2.95 -15.50 0.33
CA PHE B 45 -2.74 -16.19 1.60
C PHE B 45 -3.15 -17.66 1.49
N ASN B 46 -4.27 -17.95 0.83
CA ASN B 46 -4.67 -19.35 0.66
C ASN B 46 -3.61 -20.13 -0.10
N LEU B 47 -2.99 -19.54 -1.13
CA LEU B 47 -1.90 -20.19 -1.83
C LEU B 47 -0.76 -20.53 -0.90
N PHE B 48 -0.37 -19.56 -0.06
CA PHE B 48 0.74 -19.77 0.86
C PHE B 48 0.42 -20.87 1.88
N GLN B 49 -0.79 -20.86 2.44
CA GLN B 49 -1.17 -21.89 3.39
C GLN B 49 -1.14 -23.28 2.77
N LYS B 50 -1.51 -23.38 1.50
CA LYS B 50 -1.45 -24.67 0.82
C LYS B 50 -0.02 -25.11 0.61
N GLU B 51 0.91 -24.16 0.42
CA GLU B 51 2.33 -24.50 0.33
C GLU B 51 2.89 -24.84 1.70
N LEU B 52 2.42 -24.14 2.74
CA LEU B 52 2.82 -24.46 4.11
C LEU B 52 2.47 -25.90 4.46
N GLU B 53 1.24 -26.30 4.13
CA GLU B 53 0.81 -27.66 4.43
C GLU B 53 1.62 -28.67 3.62
N ALA B 54 1.95 -28.33 2.37
CA ALA B 54 2.73 -29.24 1.54
C ALA B 54 4.12 -29.45 2.13
N THR B 55 4.76 -28.37 2.58
CA THR B 55 6.07 -28.50 3.21
C THR B 55 5.96 -29.23 4.55
N LYS B 56 4.93 -28.90 5.34
CA LYS B 56 4.71 -29.61 6.59
C LYS B 56 4.54 -31.12 6.37
N HIS B 58 5.74 -32.84 3.88
CA HIS B 58 6.95 -33.45 3.34
C HIS B 58 8.04 -33.57 4.38
N ARG B 59 8.25 -32.53 5.19
CA ARG B 59 9.37 -32.46 6.12
C ARG B 59 8.97 -32.76 7.56
N GLY B 60 7.68 -32.64 7.90
CA GLY B 60 7.24 -32.74 9.27
C GLY B 60 7.01 -31.40 9.95
N ASN B 61 7.62 -30.34 9.43
CA ASN B 61 7.40 -28.99 9.93
C ASN B 61 7.68 -28.03 8.79
N ALA B 62 6.83 -27.02 8.64
CA ALA B 62 7.01 -26.05 7.55
C ALA B 62 8.06 -25.01 7.86
N ASN B 63 8.35 -24.77 9.13
CA ASN B 63 9.34 -23.80 9.58
C ASN B 63 9.10 -22.42 8.95
N VAL B 64 7.91 -21.89 9.25
CA VAL B 64 7.53 -20.55 8.80
C VAL B 64 8.16 -19.51 9.72
N ARG B 65 8.90 -18.56 9.13
CA ARG B 65 9.45 -17.45 9.89
C ARG B 65 8.96 -16.13 9.30
N TYR B 66 9.00 -15.09 10.14
CA TYR B 66 8.90 -13.72 9.67
C TYR B 66 10.26 -13.24 9.20
N ALA B 67 10.27 -12.48 8.11
CA ALA B 67 11.51 -12.00 7.52
C ALA B 67 11.26 -10.71 6.76
N TRP B 68 12.32 -9.92 6.60
CA TRP B 68 12.26 -8.62 5.94
C TRP B 68 12.92 -8.71 4.57
N LEU B 69 12.16 -8.35 3.53
CA LEU B 69 12.64 -8.47 2.17
C LEU B 69 13.00 -7.09 1.62
N PRO B 70 14.26 -6.84 1.24
CA PRO B 70 14.62 -5.55 0.67
C PRO B 70 13.86 -5.29 -0.63
N CYS B 71 13.42 -4.04 -0.82
CA CYS B 71 12.55 -3.68 -1.92
C CYS B 71 13.04 -2.41 -2.60
N SER B 72 12.79 -2.33 -3.90
CA SER B 72 12.87 -1.07 -4.61
C SER B 72 11.47 -0.50 -4.79
N LYS B 73 11.43 0.76 -5.22
CA LYS B 73 10.16 1.39 -5.58
C LYS B 73 9.42 0.59 -6.64
N ASP B 74 10.15 0.02 -7.60
N ASP B 74 10.14 0.03 -7.61
CA ASP B 74 9.52 -0.70 -8.70
CA ASP B 74 9.51 -0.70 -8.70
C ASP B 74 8.93 -2.03 -8.25
C ASP B 74 8.93 -2.03 -8.24
N THR B 75 9.66 -2.77 -7.40
CA THR B 75 9.17 -4.07 -6.97
C THR B 75 7.99 -3.92 -6.03
N GLU B 77 5.85 -1.59 -6.16
CA GLU B 77 4.73 -1.26 -7.04
C GLU B 77 4.16 -2.52 -7.69
N GLU B 78 5.04 -3.44 -8.10
CA GLU B 78 4.58 -4.70 -8.67
C GLU B 78 3.70 -5.46 -7.67
N ARG B 82 -0.27 -5.10 -8.52
CA ARG B 82 -0.65 -6.30 -9.24
C ARG B 82 -0.53 -7.58 -8.43
N GLY B 83 -0.07 -7.51 -7.19
CA GLY B 83 0.09 -8.71 -6.39
C GLY B 83 1.17 -9.67 -6.85
N VAL B 84 2.04 -9.25 -7.74
CA VAL B 84 3.15 -10.10 -8.19
C VAL B 84 4.37 -9.82 -7.33
N LEU B 85 5.12 -10.87 -7.01
CA LEU B 85 6.35 -10.74 -6.24
C LEU B 85 7.53 -10.64 -7.20
N GLU B 86 8.26 -9.53 -7.10
CA GLU B 86 9.51 -9.34 -7.82
C GLU B 86 10.61 -9.03 -6.81
N VAL B 87 11.78 -9.62 -7.04
CA VAL B 87 12.91 -9.54 -6.11
C VAL B 87 14.00 -8.69 -6.74
N THR B 88 14.63 -7.84 -5.93
CA THR B 88 15.74 -7.01 -6.36
C THR B 88 17.08 -7.69 -6.09
N LYS B 89 18.03 -7.47 -6.99
CA LYS B 89 19.43 -7.78 -6.68
C LYS B 89 20.07 -6.53 -6.10
N PRO B 90 20.54 -6.56 -4.85
CA PRO B 90 20.80 -5.32 -4.11
C PRO B 90 22.10 -4.61 -4.47
N LEU B 92 24.83 -4.20 -3.65
CA LEU B 92 25.55 -4.60 -2.44
C LEU B 92 25.01 -5.90 -1.87
N GLY B 93 24.73 -6.88 -2.73
CA GLY B 93 24.04 -8.09 -2.35
C GLY B 93 24.79 -8.95 -1.37
N PRO B 94 24.05 -9.61 -0.48
CA PRO B 94 24.68 -10.57 0.44
C PRO B 94 25.32 -11.72 -0.32
N VAL B 95 26.36 -12.28 0.29
CA VAL B 95 27.29 -13.16 -0.40
C VAL B 95 26.94 -14.62 -0.18
N TYR B 96 25.75 -14.88 0.38
CA TYR B 96 25.39 -16.24 0.79
C TYR B 96 24.53 -16.89 -0.30
N GLY B 97 25.18 -17.33 -1.37
CA GLY B 97 24.52 -18.02 -2.44
C GLY B 97 23.85 -17.08 -3.43
N ILE B 98 23.35 -17.67 -4.51
CA ILE B 98 22.67 -16.93 -5.57
C ILE B 98 21.19 -17.21 -5.35
N GLY B 99 20.55 -16.32 -4.61
CA GLY B 99 19.14 -16.49 -4.30
C GLY B 99 18.60 -15.21 -3.70
N THR B 100 17.44 -15.33 -3.06
CA THR B 100 16.80 -14.19 -2.43
C THR B 100 17.20 -14.15 -0.97
N HIS B 101 17.76 -13.04 -0.53
CA HIS B 101 18.26 -12.91 0.83
C HIS B 101 17.27 -12.07 1.64
N LEU B 102 16.96 -12.55 2.84
CA LEU B 102 16.00 -11.90 3.71
C LEU B 102 16.59 -11.75 5.10
N ALA B 103 16.12 -10.74 5.82
CA ALA B 103 16.64 -10.58 7.17
C ALA B 103 15.65 -11.10 8.19
N PRO B 104 16.14 -11.74 9.25
CA PRO B 104 15.24 -12.24 10.29
C PRO B 104 14.38 -11.14 10.88
N ALA B 105 13.25 -11.56 11.47
CA ALA B 105 12.21 -10.63 11.90
C ALA B 105 12.77 -9.52 12.79
N ASN B 106 13.71 -9.86 13.67
CA ASN B 106 14.27 -8.88 14.60
C ASN B 106 15.49 -8.16 14.04
N CYS B 107 15.79 -8.33 12.76
CA CYS B 107 16.96 -7.73 12.13
C CYS B 107 16.56 -6.80 10.98
N ALA B 108 15.53 -5.98 11.19
CA ALA B 108 15.13 -5.04 10.16
C ALA B 108 16.25 -4.08 9.81
N GLN B 109 17.12 -3.78 10.77
CA GLN B 109 18.28 -2.93 10.51
C GLN B 109 19.26 -3.60 9.54
N THR B 110 19.37 -4.93 9.60
CA THR B 110 20.21 -5.63 8.64
C THR B 110 19.65 -5.52 7.24
N CYS B 111 18.34 -5.72 7.10
CA CYS B 111 17.68 -5.50 5.81
C CYS B 111 17.89 -4.08 5.32
N ALA B 112 18.04 -3.12 6.24
CA ALA B 112 18.31 -1.74 5.86
C ALA B 112 19.70 -1.60 5.25
N SER B 113 20.71 -2.22 5.88
CA SER B 113 22.08 -2.08 5.41
C SER B 113 22.29 -2.71 4.04
N TYR B 114 21.49 -3.71 3.67
CA TYR B 114 21.64 -4.38 2.40
C TYR B 114 20.63 -3.91 1.36
N SER B 115 19.77 -2.95 1.69
N SER B 115 19.78 -2.94 1.69
CA SER B 115 18.80 -2.40 0.76
CA SER B 115 18.80 -2.39 0.77
C SER B 115 19.27 -1.03 0.27
C SER B 115 19.27 -1.01 0.27
N ASP B 116 18.62 -0.55 -0.79
CA ASP B 116 18.99 0.69 -1.44
C ASP B 116 18.30 1.88 -0.77
N ILE B 117 18.93 3.05 -0.90
CA ILE B 117 18.35 4.32 -0.45
C ILE B 117 18.29 5.23 -1.66
N ASP B 118 17.09 5.73 -1.95
CA ASP B 118 16.82 6.42 -3.21
C ASP B 118 17.11 7.92 -3.07
N GLU B 119 16.73 8.69 -4.08
CA GLU B 119 17.05 10.10 -4.15
C GLU B 119 16.35 10.91 -3.05
N ASN B 120 15.20 10.44 -2.59
CA ASN B 120 14.45 11.12 -1.54
C ASN B 120 14.81 10.66 -0.14
N GLY B 121 15.87 9.87 0.00
CA GLY B 121 16.26 9.37 1.29
C GLY B 121 15.29 8.38 1.88
N ILE B 122 14.72 7.50 1.04
CA ILE B 122 13.63 6.63 1.45
C ILE B 122 14.03 5.19 1.22
N ARG B 124 12.78 0.95 1.47
CA ARG B 124 11.58 0.14 1.27
C ARG B 124 11.87 -1.33 1.53
N LEU B 127 7.54 -7.07 5.03
CA LEU B 127 7.45 -8.10 6.05
C LEU B 127 6.77 -9.31 5.44
N CYS B 128 7.53 -10.39 5.27
CA CYS B 128 7.04 -11.60 4.63
C CYS B 128 6.95 -12.74 5.65
N ARG B 129 6.00 -13.66 5.40
CA ARG B 129 6.09 -15.00 5.97
C ARG B 129 6.84 -15.88 4.97
N VAL B 130 7.86 -16.58 5.46
CA VAL B 130 8.72 -17.40 4.60
C VAL B 130 8.67 -18.85 5.07
N ILE B 131 8.40 -19.76 4.15
CA ILE B 131 8.51 -21.19 4.40
C ILE B 131 9.97 -21.60 4.23
N GLY B 133 11.34 -24.54 5.63
CA GLY B 133 11.52 -26.00 5.65
C GLY B 133 12.78 -26.38 6.39
N ASN B 134 13.46 -27.40 5.87
CA ASN B 134 14.75 -27.81 6.42
C ASN B 134 15.83 -26.85 5.94
N VAL B 135 16.63 -26.33 6.87
CA VAL B 135 17.65 -25.34 6.53
C VAL B 135 19.03 -26.02 6.54
N GLU B 136 19.94 -25.49 5.71
CA GLU B 136 21.36 -25.84 5.73
C GLU B 136 22.19 -24.56 5.72
N VAL B 137 23.46 -24.71 6.10
CA VAL B 137 24.40 -23.59 6.09
C VAL B 137 24.83 -23.30 4.66
N VAL B 138 24.86 -22.01 4.31
CA VAL B 138 25.44 -21.54 3.06
C VAL B 138 26.67 -20.72 3.41
N LEU B 139 27.77 -20.99 2.72
CA LEU B 139 29.03 -20.33 3.03
C LEU B 139 29.08 -18.93 2.42
N PRO B 140 29.79 -18.01 3.07
CA PRO B 140 29.97 -16.68 2.46
C PRO B 140 30.74 -16.80 1.14
N GLY B 141 30.28 -16.05 0.14
CA GLY B 141 30.85 -16.13 -1.19
C GLY B 141 30.43 -17.34 -2.00
N SER B 142 29.57 -18.21 -1.47
CA SER B 142 29.13 -19.37 -2.23
C SER B 142 28.31 -18.94 -3.44
N LYS B 143 28.42 -19.69 -4.53
CA LYS B 143 27.58 -19.52 -5.71
C LYS B 143 26.48 -20.57 -5.80
N GLN B 144 26.12 -21.17 -4.67
CA GLN B 144 25.00 -22.11 -4.62
C GLN B 144 23.71 -21.43 -5.05
N PHE B 145 22.89 -22.15 -5.84
CA PHE B 145 21.61 -21.62 -6.30
C PHE B 145 20.43 -22.54 -6.04
N GLN B 146 20.64 -23.68 -5.40
CA GLN B 146 19.58 -24.62 -5.10
C GLN B 146 19.97 -25.40 -3.86
N PRO B 147 19.03 -26.11 -3.23
CA PRO B 147 19.39 -26.92 -2.07
C PRO B 147 20.47 -27.94 -2.44
N THR B 148 21.37 -28.19 -1.48
CA THR B 148 22.47 -29.12 -1.75
C THR B 148 21.93 -30.46 -2.21
N ASN B 149 20.89 -30.96 -1.53
CA ASN B 149 20.29 -32.23 -1.92
C ASN B 149 18.85 -32.25 -1.41
N GLU B 150 18.17 -33.37 -1.66
CA GLU B 150 16.75 -33.49 -1.45
C GLU B 150 16.32 -33.27 0.00
N ARG B 151 17.27 -33.26 0.94
CA ARG B 151 16.93 -33.16 2.36
C ARG B 151 16.72 -31.73 2.82
N PHE B 152 17.08 -30.74 2.02
CA PHE B 152 17.04 -29.35 2.45
C PHE B 152 16.15 -28.51 1.54
N ASP B 153 15.68 -27.39 2.09
CA ASP B 153 14.79 -26.46 1.38
C ASP B 153 15.42 -25.10 1.20
N SER B 154 16.02 -24.53 2.24
CA SER B 154 16.51 -23.16 2.22
C SER B 154 17.85 -23.09 2.93
N GLY B 155 18.44 -21.90 2.94
CA GLY B 155 19.75 -21.69 3.52
C GLY B 155 19.73 -20.68 4.64
N VAL B 156 20.66 -20.82 5.57
CA VAL B 156 20.98 -19.80 6.56
C VAL B 156 22.48 -19.59 6.56
N ASP B 157 22.90 -18.44 7.08
CA ASP B 157 24.33 -18.18 7.21
C ASP B 157 24.92 -18.86 8.43
N ASP B 158 24.11 -19.09 9.45
CA ASP B 158 24.56 -19.59 10.74
C ASP B 158 23.43 -20.42 11.31
N LEU B 159 23.74 -21.67 11.70
CA LEU B 159 22.71 -22.59 12.16
C LEU B 159 22.20 -22.23 13.55
N GLN B 160 23.04 -21.61 14.37
N GLN B 160 23.04 -21.61 14.37
CA GLN B 160 22.69 -21.27 15.74
CA GLN B 160 22.64 -21.27 15.73
C GLN B 160 22.27 -19.82 15.93
C GLN B 160 22.24 -19.81 15.91
N LYS B 161 22.76 -18.91 15.07
CA LYS B 161 22.50 -17.48 15.21
C LYS B 161 22.38 -16.87 13.82
N PRO B 162 21.26 -17.14 13.13
CA PRO B 162 21.16 -16.70 11.73
C PRO B 162 21.02 -15.19 11.61
N LYS B 163 21.84 -14.60 10.74
CA LYS B 163 21.68 -13.21 10.32
C LYS B 163 21.11 -13.07 8.92
N HIS B 164 21.02 -14.15 8.14
CA HIS B 164 20.50 -14.06 6.78
C HIS B 164 19.73 -15.33 6.44
N TYR B 165 18.55 -15.17 5.87
CA TYR B 165 17.78 -16.26 5.29
C TYR B 165 17.99 -16.26 3.78
N ILE B 166 18.01 -17.45 3.18
CA ILE B 166 18.26 -17.58 1.76
C ILE B 166 17.20 -18.49 1.14
N ILE B 167 16.39 -17.94 0.24
CA ILE B 167 15.35 -18.66 -0.48
C ILE B 167 15.82 -18.81 -1.92
N TRP B 168 15.82 -20.04 -2.44
CA TRP B 168 16.34 -20.33 -3.76
C TRP B 168 15.33 -19.94 -4.84
N ASP B 169 15.85 -19.70 -6.04
CA ASP B 169 15.02 -19.21 -7.14
C ASP B 169 13.78 -20.07 -7.36
N ALA B 170 13.95 -21.39 -7.28
CA ALA B 170 12.84 -22.29 -7.55
C ALA B 170 11.75 -22.17 -6.48
N ASN B 171 12.06 -21.63 -5.31
CA ASN B 171 11.11 -21.51 -4.23
C ASN B 171 10.61 -20.10 -4.02
N VAL B 172 11.12 -19.12 -4.79
CA VAL B 172 10.78 -17.73 -4.51
C VAL B 172 9.27 -17.52 -4.66
N HIS B 173 8.69 -18.06 -5.73
CA HIS B 173 7.29 -17.82 -6.04
C HIS B 173 6.34 -18.71 -5.25
N ARG B 174 6.82 -19.49 -4.28
CA ARG B 174 5.90 -20.31 -3.49
C ARG B 174 6.17 -20.32 -2.00
N HIS B 175 7.34 -19.87 -1.53
CA HIS B 175 7.67 -19.93 -0.11
C HIS B 175 7.81 -18.56 0.53
N ILE B 176 7.63 -17.48 -0.24
CA ILE B 176 7.68 -16.12 0.29
C ILE B 176 6.30 -15.51 0.13
N TYR B 177 5.68 -15.16 1.25
CA TYR B 177 4.37 -14.51 1.25
C TYR B 177 4.55 -13.08 1.76
N ALA B 178 4.55 -12.12 0.86
CA ALA B 178 4.67 -10.72 1.26
C ALA B 178 3.37 -10.30 1.94
N GLU B 179 3.46 -9.81 3.17
CA GLU B 179 2.29 -9.52 3.96
C GLU B 179 2.11 -8.03 4.25
N TYR B 180 3.19 -7.29 4.50
CA TYR B 180 3.12 -5.86 4.68
C TYR B 180 4.22 -5.18 3.88
N ALA B 181 3.87 -4.06 3.26
CA ALA B 181 4.83 -3.16 2.64
C ALA B 181 5.15 -2.05 3.64
N VAL B 182 6.44 -1.73 3.77
CA VAL B 182 6.90 -0.76 4.75
C VAL B 182 7.78 0.26 4.05
N VAL B 183 7.48 1.53 4.25
CA VAL B 183 8.21 2.63 3.63
C VAL B 183 8.82 3.45 4.76
N ILE B 184 10.14 3.64 4.69
CA ILE B 184 10.91 4.20 5.79
C ILE B 184 11.76 5.36 5.29
N LYS B 185 11.74 6.47 6.02
CA LYS B 185 12.69 7.56 5.80
C LYS B 185 13.96 7.27 6.60
N ALA B 186 15.07 7.11 5.90
CA ALA B 186 16.38 6.92 6.53
C ALA B 186 16.68 8.02 7.55
#